data_3QAI
#
_entry.id   3QAI
#
_cell.length_a   83.132
_cell.length_b   86.295
_cell.length_c   136.598
_cell.angle_alpha   90.00
_cell.angle_beta   90.00
_cell.angle_gamma   90.00
#
_symmetry.space_group_name_H-M   'P 21 21 21'
#
loop_
_entity.id
_entity.type
_entity.pdbx_description
1 polymer Ketohexokinase
2 non-polymer 'SULFATE ION'
3 non-polymer N~8~-(cyclopropylmethyl)-2-(2,6-diazaspiro[3.3]hept-2-yl)-N~4~-[2-(methylsulfanyl)phenyl]pyrimido[5,4-d]pyrimidine-4,8-diamine
4 water water
#
_entity_poly.entity_id   1
_entity_poly.type   'polypeptide(L)'
_entity_poly.pdbx_seq_one_letter_code
;MGSSHHHHHHSSGLVPRGSQILCVGLVVLDVISLVDKYPKEDSEIRCLSQRWQRGGNASNSCTVLSLLGAPCAFMGSMAP
GHVADFLVADFRRRGVDVSQVAWQSKGDTPSSCCIINNSNGNRTIVLHDTSLPDVSATDFEKVDLTQFKWIHIEGRNASE
QVKMLQRIDAHNTRQPPEQKIRVSVEVEKPREELFQLFGYGDVVFVSKDVAKHLGFQSAEEALRGLYGRVRKGAVLVCAW
AEEGADALGPDGKLLHSDAFPPPRVVDTLGAGDTFNASVIFSLSQGRSVQEALRFGCQVAGKKCGLQGFDGIV
;
_entity_poly.pdbx_strand_id   A,B
#
loop_
_chem_comp.id
_chem_comp.type
_chem_comp.name
_chem_comp.formula
SO4 non-polymer 'SULFATE ION' 'O4 S -2'
XNN non-polymer N~8~-(cyclopropylmethyl)-2-(2,6-diazaspiro[3.3]hept-2-yl)-N~4~-[2-(methylsulfanyl)phenyl]pyrimido[5,4-d]pyrimidine-4,8-diamine 'C22 H26 N8 S'
#
# COMPACT_ATOMS: atom_id res chain seq x y z
N GLY A 18 22.44 10.99 31.25
CA GLY A 18 22.60 11.63 29.94
C GLY A 18 23.05 10.67 28.84
N SER A 19 22.32 9.56 28.67
CA SER A 19 22.80 8.47 27.84
C SER A 19 22.07 8.25 26.51
N GLN A 20 20.91 8.88 26.31
CA GLN A 20 20.12 8.62 25.10
C GLN A 20 20.32 9.68 24.01
N ILE A 21 20.06 9.28 22.77
CA ILE A 21 19.94 10.24 21.66
C ILE A 21 18.47 10.33 21.30
N LEU A 22 17.97 11.54 21.08
CA LEU A 22 16.56 11.72 20.80
C LEU A 22 16.35 12.24 19.39
N CYS A 23 15.34 11.71 18.69
CA CYS A 23 14.95 12.31 17.40
C CYS A 23 13.50 12.77 17.39
N VAL A 24 13.30 13.95 16.82
CA VAL A 24 12.01 14.59 16.78
C VAL A 24 11.58 14.77 15.33
N GLY A 25 10.62 13.98 14.89
CA GLY A 25 10.04 14.12 13.56
C GLY A 25 8.83 13.21 13.32
N LEU A 26 8.67 12.76 12.09
CA LEU A 26 7.52 11.93 11.71
C LEU A 26 7.79 10.45 11.82
N VAL A 27 6.71 9.70 12.07
CA VAL A 27 6.67 8.26 11.78
C VAL A 27 5.57 8.07 10.73
N VAL A 28 5.75 7.11 9.83
CA VAL A 28 4.83 6.93 8.73
C VAL A 28 4.81 5.46 8.35
N LEU A 29 3.65 4.90 8.00
CA LEU A 29 3.60 3.55 7.47
C LEU A 29 3.98 3.54 5.99
N ASP A 30 5.10 2.92 5.69
CA ASP A 30 5.55 2.80 4.31
C ASP A 30 5.02 1.51 3.70
N VAL A 31 4.01 1.65 2.84
CA VAL A 31 3.54 0.53 2.02
C VAL A 31 4.39 0.45 0.75
N ILE A 32 5.26 -0.54 0.72
CA ILE A 32 6.33 -0.59 -0.26
C ILE A 32 6.02 -1.61 -1.34
N SER A 33 6.31 -1.23 -2.57
CA SER A 33 6.25 -2.14 -3.71
C SER A 33 7.58 -2.15 -4.41
N LEU A 34 8.20 -3.31 -4.54
CA LEU A 34 9.43 -3.44 -5.33
C LEU A 34 9.14 -3.82 -6.79
N VAL A 35 9.41 -2.91 -7.72
CA VAL A 35 9.19 -3.17 -9.15
C VAL A 35 10.54 -3.17 -9.90
N ASP A 36 10.61 -3.79 -11.08
CA ASP A 36 11.91 -3.83 -11.79
C ASP A 36 12.11 -2.71 -12.80
N LYS A 37 11.03 -2.02 -13.14
CA LYS A 37 11.14 -0.76 -13.89
C LYS A 37 10.00 0.17 -13.47
N TYR A 38 10.23 1.48 -13.52
CA TYR A 38 9.26 2.46 -13.06
C TYR A 38 8.12 2.65 -14.07
N PRO A 39 6.87 2.50 -13.62
CA PRO A 39 5.71 2.41 -14.53
C PRO A 39 5.48 3.71 -15.28
N LYS A 40 5.05 3.64 -16.55
CA LYS A 40 4.70 4.85 -17.28
C LYS A 40 3.21 5.18 -17.13
N GLU A 41 2.89 6.47 -17.24
CA GLU A 41 1.50 6.97 -17.21
C GLU A 41 0.50 5.94 -17.72
N ASP A 42 -0.51 5.66 -16.92
CA ASP A 42 -1.64 4.87 -17.40
C ASP A 42 -1.34 3.39 -17.67
N SER A 43 -0.08 2.99 -17.56
CA SER A 43 0.27 1.57 -17.76
C SER A 43 -0.05 0.71 -16.53
N GLU A 44 0.20 -0.58 -16.64
CA GLU A 44 -0.03 -1.49 -15.51
C GLU A 44 1.07 -2.55 -15.42
N ILE A 45 1.83 -2.53 -14.32
CA ILE A 45 2.90 -3.50 -14.11
C ILE A 45 2.69 -4.29 -12.83
N ARG A 46 3.41 -5.39 -12.70
CA ARG A 46 3.29 -6.24 -11.52
C ARG A 46 4.57 -6.16 -10.69
N CYS A 47 4.44 -5.88 -9.40
CA CYS A 47 5.63 -5.77 -8.56
C CYS A 47 6.33 -7.12 -8.36
N LEU A 48 7.61 -7.07 -7.97
CA LEU A 48 8.38 -8.27 -7.67
C LEU A 48 8.08 -8.74 -6.24
N SER A 49 7.89 -7.78 -5.34
CA SER A 49 7.52 -8.13 -3.96
C SER A 49 7.04 -6.88 -3.22
N GLN A 50 6.47 -7.10 -2.04
CA GLN A 50 5.92 -6.01 -1.27
C GLN A 50 6.10 -6.19 0.23
N ARG A 51 6.28 -5.08 0.93
CA ARG A 51 6.38 -5.17 2.39
C ARG A 51 5.91 -3.87 3.01
N TRP A 52 5.56 -3.95 4.29
CA TRP A 52 5.28 -2.79 5.12
C TRP A 52 6.55 -2.42 5.85
N GLN A 53 6.71 -1.15 6.16
CA GLN A 53 7.93 -0.71 6.82
C GLN A 53 7.69 0.53 7.67
N ARG A 54 8.24 0.55 8.88
CA ARG A 54 8.11 1.75 9.72
C ARG A 54 8.92 2.88 9.11
N GLY A 55 8.26 3.98 8.77
CA GLY A 55 8.88 5.06 8.01
C GLY A 55 9.03 6.38 8.74
N GLY A 56 9.24 7.46 8.00
CA GLY A 56 9.49 8.76 8.60
C GLY A 56 10.98 8.96 8.85
N ASN A 57 11.47 10.18 8.67
CA ASN A 57 12.91 10.39 8.77
C ASN A 57 13.43 10.10 10.17
N ALA A 58 12.94 10.85 11.14
CA ALA A 58 13.39 10.63 12.51
C ALA A 58 13.20 9.15 12.85
N SER A 59 12.13 8.56 12.31
CA SER A 59 11.85 7.16 12.59
C SER A 59 12.97 6.26 12.11
N ASN A 60 13.35 6.44 10.85
CA ASN A 60 14.41 5.66 10.24
C ASN A 60 15.70 5.81 11.03
N SER A 61 16.06 7.06 11.30
CA SER A 61 17.26 7.35 12.06
C SER A 61 17.31 6.60 13.39
N CYS A 62 16.18 6.52 14.10
CA CYS A 62 16.09 5.72 15.34
C CYS A 62 16.47 4.27 15.08
N THR A 63 15.87 3.70 14.05
CA THR A 63 16.18 2.37 13.59
C THR A 63 17.69 2.21 13.49
N VAL A 64 18.33 3.17 12.83
CA VAL A 64 19.74 3.05 12.47
C VAL A 64 20.63 3.21 13.70
N LEU A 65 20.29 4.20 14.53
CA LEU A 65 20.94 4.36 15.82
C LEU A 65 20.83 3.07 16.64
N SER A 66 19.61 2.56 16.78
CA SER A 66 19.41 1.29 17.46
C SER A 66 20.35 0.22 16.90
N LEU A 67 20.29 -0.01 15.58
CA LEU A 67 21.11 -1.05 14.98
C LEU A 67 22.61 -0.83 15.26
N LEU A 68 23.00 0.41 15.52
CA LEU A 68 24.40 0.70 15.76
C LEU A 68 24.76 0.53 17.23
N GLY A 69 23.76 0.21 18.05
CA GLY A 69 23.96 -0.03 19.47
C GLY A 69 23.83 1.23 20.33
N ALA A 70 23.29 2.30 19.78
CA ALA A 70 23.11 3.51 20.56
C ALA A 70 21.70 3.56 21.15
N PRO A 71 21.60 3.64 22.48
CA PRO A 71 20.28 3.90 23.07
C PRO A 71 19.72 5.22 22.53
N CYS A 72 18.48 5.16 22.02
CA CYS A 72 17.81 6.35 21.48
C CYS A 72 16.31 6.33 21.78
N ALA A 73 15.63 7.40 21.37
CA ALA A 73 14.21 7.58 21.63
C ALA A 73 13.57 8.44 20.55
N PHE A 74 12.39 8.05 20.10
CA PHE A 74 11.68 8.84 19.10
C PHE A 74 10.59 9.68 19.75
N MET A 75 10.35 10.85 19.18
CA MET A 75 9.24 11.68 19.60
C MET A 75 8.55 12.29 18.40
N GLY A 76 7.27 11.96 18.24
CA GLY A 76 6.42 12.58 17.24
C GLY A 76 4.96 12.26 17.55
N SER A 77 4.07 12.86 16.76
CA SER A 77 2.64 12.60 16.89
C SER A 77 2.24 11.22 16.37
N MET A 78 1.29 10.58 17.05
CA MET A 78 0.71 9.33 16.58
C MET A 78 -0.76 9.22 17.00
N ALA A 79 -1.62 8.86 16.04
CA ALA A 79 -3.03 8.61 16.32
C ALA A 79 -3.28 7.14 16.59
N PRO A 80 -3.98 6.81 17.70
CA PRO A 80 -4.21 5.41 18.03
C PRO A 80 -5.11 4.73 17.00
N GLY A 81 -4.79 3.48 16.73
CA GLY A 81 -5.49 2.70 15.74
C GLY A 81 -4.73 1.41 15.48
N HIS A 82 -4.97 0.79 14.34
CA HIS A 82 -4.26 -0.45 14.03
C HIS A 82 -2.89 -0.17 13.43
N VAL A 83 -2.80 0.90 12.64
CA VAL A 83 -1.53 1.31 12.08
C VAL A 83 -0.52 1.60 13.19
N ALA A 84 -0.85 2.54 14.07
CA ALA A 84 0.01 2.86 15.21
C ALA A 84 0.51 1.59 15.89
N ASP A 85 -0.40 0.68 16.21
CA ASP A 85 -0.01 -0.55 16.90
C ASP A 85 1.15 -1.23 16.20
N PHE A 86 1.09 -1.26 14.87
CA PHE A 86 2.18 -1.84 14.10
C PHE A 86 3.48 -1.06 14.27
N LEU A 87 3.40 0.26 14.11
CA LEU A 87 4.56 1.12 14.25
C LEU A 87 5.21 0.93 15.62
N VAL A 88 4.40 1.00 16.65
CA VAL A 88 4.88 0.83 18.02
C VAL A 88 5.62 -0.49 18.19
N ALA A 89 4.97 -1.59 17.82
CA ALA A 89 5.62 -2.90 17.96
C ALA A 89 7.00 -2.89 17.33
N ASP A 90 7.12 -2.26 16.16
CA ASP A 90 8.39 -2.23 15.44
C ASP A 90 9.44 -1.41 16.20
N PHE A 91 9.03 -0.25 16.70
CA PHE A 91 9.85 0.58 17.58
C PHE A 91 10.45 -0.26 18.72
N ARG A 92 9.62 -1.09 19.34
CA ARG A 92 10.05 -1.95 20.45
C ARG A 92 10.97 -3.12 20.06
N ARG A 93 10.65 -3.80 18.96
CA ARG A 93 11.52 -4.87 18.47
C ARG A 93 12.93 -4.30 18.24
N ARG A 94 13.01 -2.97 18.21
CA ARG A 94 14.23 -2.23 17.95
C ARG A 94 14.72 -1.44 19.18
N GLY A 95 13.97 -1.49 20.27
CA GLY A 95 14.40 -0.89 21.52
C GLY A 95 14.38 0.63 21.52
N VAL A 96 13.64 1.21 20.60
CA VAL A 96 13.49 2.65 20.58
C VAL A 96 12.55 3.05 21.70
N ASP A 97 12.94 4.08 22.44
CA ASP A 97 12.13 4.63 23.52
C ASP A 97 11.01 5.48 22.93
N VAL A 98 9.78 5.03 23.09
CA VAL A 98 8.63 5.72 22.51
C VAL A 98 7.84 6.49 23.57
N SER A 99 8.29 6.40 24.82
CA SER A 99 7.58 6.98 25.96
C SER A 99 7.47 8.51 25.88
N GLN A 100 8.07 9.10 24.84
CA GLN A 100 8.01 10.54 24.68
C GLN A 100 7.05 10.92 23.58
N VAL A 101 6.32 9.92 23.07
CA VAL A 101 5.42 10.16 21.97
C VAL A 101 4.23 11.04 22.39
N ALA A 102 3.78 11.89 21.47
CA ALA A 102 2.64 12.75 21.73
C ALA A 102 1.38 12.28 21.00
N TRP A 103 0.60 11.42 21.66
CA TRP A 103 -0.64 10.88 21.07
C TRP A 103 -1.69 11.95 20.75
N GLN A 104 -2.55 11.65 19.79
CA GLN A 104 -3.62 12.56 19.44
C GLN A 104 -4.99 11.94 19.70
N SER A 105 -6.03 12.58 19.17
CA SER A 105 -7.37 12.02 19.14
C SER A 105 -8.04 12.50 17.86
N LYS A 106 -7.37 13.40 17.15
CA LYS A 106 -7.84 13.89 15.86
C LYS A 106 -6.94 13.39 14.71
N GLY A 107 -7.51 12.64 13.78
CA GLY A 107 -6.78 12.15 12.61
C GLY A 107 -6.28 10.72 12.71
N ASP A 108 -5.70 10.24 11.61
CA ASP A 108 -5.15 8.88 11.54
C ASP A 108 -3.65 8.91 11.27
N THR A 109 -3.01 7.76 11.39
CA THR A 109 -1.58 7.61 11.12
C THR A 109 -1.28 7.84 9.65
N PRO A 110 -0.38 8.79 9.36
CA PRO A 110 0.05 9.06 7.97
C PRO A 110 0.58 7.78 7.35
N SER A 111 0.50 7.66 6.04
CA SER A 111 1.04 6.48 5.38
C SER A 111 1.33 6.82 3.95
N SER A 112 2.17 6.02 3.32
CA SER A 112 2.47 6.29 1.92
C SER A 112 2.77 5.05 1.12
N CYS A 113 2.70 5.21 -0.19
CA CYS A 113 3.01 4.15 -1.11
C CYS A 113 4.37 4.43 -1.66
N CYS A 114 5.29 3.51 -1.45
CA CYS A 114 6.63 3.75 -1.94
C CYS A 114 6.92 2.78 -3.04
N ILE A 115 7.22 3.31 -4.22
CA ILE A 115 7.61 2.46 -5.31
C ILE A 115 9.12 2.47 -5.40
N ILE A 116 9.73 1.33 -5.09
CA ILE A 116 11.18 1.19 -5.16
C ILE A 116 11.59 0.46 -6.43
N ASN A 117 12.36 1.16 -7.26
CA ASN A 117 12.81 0.59 -8.52
C ASN A 117 14.05 -0.24 -8.26
N ASN A 118 13.88 -1.55 -8.32
CA ASN A 118 14.95 -2.48 -8.02
C ASN A 118 16.14 -2.45 -8.99
N SER A 119 16.05 -1.69 -10.08
CA SER A 119 17.15 -1.69 -11.05
C SER A 119 18.09 -0.49 -10.88
N ASN A 120 17.69 0.45 -10.03
CA ASN A 120 18.59 1.52 -9.62
C ASN A 120 18.31 2.01 -8.20
N GLY A 121 17.36 1.36 -7.52
CA GLY A 121 16.99 1.72 -6.17
C GLY A 121 16.30 3.05 -6.01
N ASN A 122 15.92 3.70 -7.12
CA ASN A 122 15.12 4.92 -7.05
C ASN A 122 13.90 4.69 -6.17
N ARG A 123 13.47 5.70 -5.43
CA ARG A 123 12.29 5.49 -4.58
C ARG A 123 11.28 6.61 -4.73
N THR A 124 10.10 6.28 -5.25
CA THR A 124 9.08 7.28 -5.46
C THR A 124 8.12 7.24 -4.28
N ILE A 125 7.96 8.37 -3.61
CA ILE A 125 7.09 8.42 -2.44
C ILE A 125 5.86 9.26 -2.67
N VAL A 126 4.70 8.62 -2.52
CA VAL A 126 3.41 9.31 -2.53
C VAL A 126 2.83 9.27 -1.11
N LEU A 127 2.92 10.42 -0.45
CA LEU A 127 2.52 10.56 0.95
C LEU A 127 1.07 11.05 1.18
N HIS A 128 0.36 10.37 2.04
CA HIS A 128 -0.92 10.87 2.50
C HIS A 128 -0.69 11.46 3.86
N ASP A 129 -0.52 12.77 3.91
CA ASP A 129 -0.41 13.44 5.20
C ASP A 129 -1.80 13.64 5.78
N THR A 130 -2.00 13.09 6.97
CA THR A 130 -3.23 13.33 7.71
C THR A 130 -3.24 14.78 8.13
N SER A 131 -4.35 15.21 8.72
CA SER A 131 -4.39 16.51 9.34
C SER A 131 -3.72 16.40 10.70
N LEU A 132 -3.42 15.17 11.11
CA LEU A 132 -2.75 14.89 12.40
C LEU A 132 -1.82 16.02 12.81
N PRO A 133 -2.02 16.53 14.04
CA PRO A 133 -1.31 17.69 14.60
C PRO A 133 0.18 17.46 14.69
N ASP A 134 0.96 18.52 14.49
CA ASP A 134 2.40 18.43 14.66
C ASP A 134 2.78 18.40 16.15
N VAL A 135 4.04 18.09 16.42
CA VAL A 135 4.57 18.24 17.77
C VAL A 135 4.82 19.74 18.02
N SER A 136 4.35 20.24 19.17
CA SER A 136 4.41 21.67 19.47
C SER A 136 5.33 21.99 20.65
N ALA A 137 5.95 23.17 20.61
CA ALA A 137 6.83 23.63 21.70
C ALA A 137 6.26 23.29 23.08
N THR A 138 4.92 23.27 23.17
CA THR A 138 4.21 22.87 24.38
C THR A 138 4.55 21.43 24.76
N ASP A 139 4.16 20.50 23.91
CA ASP A 139 4.45 19.10 24.12
C ASP A 139 5.91 18.99 24.50
N PHE A 140 6.74 19.73 23.77
CA PHE A 140 8.19 19.60 23.89
C PHE A 140 8.69 20.12 25.23
N GLU A 141 8.21 21.31 25.62
CA GLU A 141 8.55 21.94 26.90
C GLU A 141 8.24 21.01 28.09
N LYS A 142 7.68 19.85 27.79
CA LYS A 142 7.19 18.92 28.78
C LYS A 142 8.11 17.68 28.91
N VAL A 143 9.33 17.76 28.38
CA VAL A 143 10.25 16.61 28.34
C VAL A 143 11.49 16.76 29.21
N ASP A 144 11.90 15.69 29.87
CA ASP A 144 13.09 15.73 30.73
C ASP A 144 14.38 15.64 29.93
N LEU A 145 15.03 16.79 29.74
CA LEU A 145 16.16 16.90 28.83
C LEU A 145 17.44 16.26 29.36
N THR A 146 17.38 15.62 30.52
CA THR A 146 18.59 15.17 31.16
C THR A 146 19.18 13.90 30.54
N GLN A 147 18.30 13.04 30.01
CA GLN A 147 18.73 11.73 29.53
C GLN A 147 19.44 11.77 28.18
N PHE A 148 19.65 12.96 27.64
CA PHE A 148 20.06 13.07 26.25
C PHE A 148 21.42 13.72 26.03
N LYS A 149 22.36 12.95 25.48
CA LYS A 149 23.61 13.51 25.00
C LYS A 149 23.39 14.34 23.74
N TRP A 150 22.41 13.92 22.95
CA TRP A 150 22.16 14.49 21.64
C TRP A 150 20.66 14.65 21.35
N ILE A 151 20.30 15.69 20.61
CA ILE A 151 18.92 15.85 20.16
C ILE A 151 18.88 16.28 18.69
N HIS A 152 18.34 15.39 17.84
CA HIS A 152 18.25 15.69 16.42
C HIS A 152 16.82 16.02 15.97
N ILE A 153 16.64 17.21 15.41
CA ILE A 153 15.33 17.68 15.00
C ILE A 153 15.14 17.66 13.49
N GLU A 154 14.08 16.97 13.04
CA GLU A 154 13.69 16.93 11.63
C GLU A 154 12.83 18.15 11.29
N GLY A 155 13.36 19.04 10.45
CA GLY A 155 12.70 20.30 10.16
C GLY A 155 11.40 20.16 9.40
N ARG A 156 10.29 20.23 10.12
CA ARG A 156 8.95 20.24 9.51
C ARG A 156 8.17 21.53 9.77
N ASN A 157 7.78 21.75 11.03
CA ASN A 157 7.09 22.97 11.45
C ASN A 157 8.02 24.03 12.09
N ALA A 158 8.58 24.89 11.25
CA ALA A 158 9.67 25.77 11.66
C ALA A 158 9.39 26.68 12.84
N SER A 159 8.61 27.74 12.61
CA SER A 159 8.35 28.77 13.61
C SER A 159 8.08 28.21 15.01
N GLU A 160 7.53 26.99 15.04
CA GLU A 160 7.17 26.32 16.28
C GLU A 160 8.33 25.51 16.87
N GLN A 161 9.25 25.09 16.01
CA GLN A 161 10.38 24.28 16.46
C GLN A 161 11.52 25.17 16.95
N VAL A 162 11.61 26.36 16.37
CA VAL A 162 12.63 27.29 16.77
C VAL A 162 12.49 27.50 18.28
N LYS A 163 11.26 27.50 18.76
CA LYS A 163 11.01 27.60 20.20
C LYS A 163 11.62 26.40 20.93
N MET A 164 11.38 25.21 20.39
CA MET A 164 11.96 23.98 20.93
C MET A 164 13.47 24.13 21.07
N LEU A 165 14.10 24.70 20.04
CA LEU A 165 15.54 24.82 20.01
C LEU A 165 16.03 25.77 21.10
N GLN A 166 15.49 26.99 21.09
CA GLN A 166 15.76 27.97 22.12
C GLN A 166 15.68 27.39 23.53
N ARG A 167 14.66 26.55 23.77
CA ARG A 167 14.57 25.84 25.06
C ARG A 167 15.81 25.00 25.32
N ILE A 168 16.44 24.54 24.24
CA ILE A 168 17.65 23.74 24.37
C ILE A 168 18.90 24.63 24.55
N ASP A 169 19.07 25.64 23.69
CA ASP A 169 20.13 26.63 23.87
C ASP A 169 20.17 27.10 25.32
N ALA A 170 19.02 27.56 25.81
CA ALA A 170 18.87 27.98 27.20
C ALA A 170 19.37 26.94 28.20
N HIS A 171 18.91 25.69 28.06
CA HIS A 171 19.28 24.62 28.99
C HIS A 171 20.79 24.41 29.01
N ASN A 172 21.45 24.82 27.93
CA ASN A 172 22.90 24.65 27.80
C ASN A 172 23.70 25.57 28.73
N THR A 173 23.25 26.80 28.87
CA THR A 173 23.95 27.83 29.64
C THR A 173 24.26 27.44 31.09
N ARG A 174 23.39 26.62 31.68
CA ARG A 174 23.49 26.30 33.09
C ARG A 174 24.38 25.09 33.36
N GLN A 175 24.99 24.56 32.31
CA GLN A 175 25.76 23.32 32.40
C GLN A 175 27.21 23.49 31.93
N PRO A 176 28.11 22.62 32.44
CA PRO A 176 29.53 22.67 32.06
C PRO A 176 29.69 22.48 30.55
N PRO A 177 30.67 23.18 29.93
CA PRO A 177 30.92 22.99 28.49
C PRO A 177 31.25 21.53 28.19
N GLU A 178 30.95 20.65 29.15
CA GLU A 178 31.25 19.24 29.03
C GLU A 178 29.95 18.43 29.04
N GLN A 179 28.97 18.85 29.84
CA GLN A 179 27.68 18.16 29.89
C GLN A 179 26.57 18.85 29.10
N LYS A 180 26.94 19.59 28.06
CA LYS A 180 25.94 20.24 27.20
C LYS A 180 25.23 19.22 26.29
N ILE A 181 24.02 19.59 25.84
CA ILE A 181 23.25 18.77 24.91
C ILE A 181 23.61 19.11 23.47
N ARG A 182 24.29 18.17 22.81
CA ARG A 182 24.62 18.35 21.41
C ARG A 182 23.31 18.40 20.62
N VAL A 183 23.24 19.27 19.63
CA VAL A 183 22.02 19.43 18.86
C VAL A 183 22.27 19.34 17.36
N SER A 184 21.46 18.55 16.68
CA SER A 184 21.55 18.46 15.22
C SER A 184 20.22 18.76 14.57
N VAL A 185 20.29 19.22 13.31
CA VAL A 185 19.11 19.67 12.58
C VAL A 185 19.10 19.28 11.08
N GLU A 186 17.95 18.79 10.62
CA GLU A 186 17.77 18.42 9.21
C GLU A 186 16.94 19.47 8.51
N VAL A 187 17.35 19.84 7.29
CA VAL A 187 16.53 20.67 6.40
C VAL A 187 16.42 19.96 5.05
N GLU A 188 15.38 19.13 4.89
CA GLU A 188 15.29 18.30 3.70
C GLU A 188 14.46 18.89 2.55
N LYS A 189 13.46 19.70 2.87
CA LYS A 189 12.55 20.16 1.83
C LYS A 189 12.69 21.65 1.54
N PRO A 190 12.52 22.02 0.26
CA PRO A 190 12.72 23.39 -0.25
C PRO A 190 11.88 24.48 0.42
N ARG A 191 10.95 24.10 1.30
CA ARG A 191 10.06 25.05 1.96
C ARG A 191 10.75 26.25 2.60
N GLU A 192 10.25 27.44 2.27
CA GLU A 192 10.79 28.71 2.79
C GLU A 192 10.83 28.80 4.32
N GLU A 193 9.78 28.28 4.96
CA GLU A 193 9.65 28.39 6.42
C GLU A 193 10.82 27.72 7.13
N LEU A 194 11.38 26.67 6.52
CA LEU A 194 12.43 25.88 7.14
C LEU A 194 13.78 26.60 7.18
N PHE A 195 13.93 27.63 6.35
CA PHE A 195 15.21 28.30 6.17
C PHE A 195 15.74 29.02 7.42
N GLN A 196 14.86 29.30 8.38
CA GLN A 196 15.26 29.97 9.61
C GLN A 196 16.09 29.05 10.50
N LEU A 197 15.97 27.75 10.24
CA LEU A 197 16.57 26.70 11.06
C LEU A 197 18.09 26.56 10.94
N PHE A 198 18.67 27.04 9.84
CA PHE A 198 20.11 26.92 9.58
C PHE A 198 20.93 27.44 10.74
N GLY A 199 20.39 28.44 11.44
CA GLY A 199 21.12 29.08 12.50
C GLY A 199 20.79 28.47 13.84
N TYR A 200 20.81 27.15 13.91
CA TYR A 200 20.54 26.47 15.16
C TYR A 200 21.27 25.12 15.22
N GLY A 201 21.51 24.64 16.44
CA GLY A 201 22.15 23.35 16.64
C GLY A 201 23.59 23.28 16.15
N ASP A 202 24.37 22.40 16.76
CA ASP A 202 25.80 22.28 16.48
C ASP A 202 26.13 21.69 15.10
N VAL A 203 25.25 20.84 14.57
CA VAL A 203 25.41 20.27 13.24
C VAL A 203 24.15 20.45 12.42
N VAL A 204 24.32 20.85 11.16
CA VAL A 204 23.17 21.13 10.30
C VAL A 204 23.22 20.39 8.97
N PHE A 205 22.25 19.51 8.78
CA PHE A 205 22.17 18.72 7.55
C PHE A 205 21.25 19.40 6.55
N VAL A 206 21.81 19.83 5.43
CA VAL A 206 21.02 20.29 4.28
C VAL A 206 21.12 19.34 3.10
N SER A 207 19.97 18.84 2.64
CA SER A 207 19.94 17.82 1.58
C SER A 207 20.33 18.37 0.23
N LYS A 208 20.70 17.47 -0.67
CA LYS A 208 21.05 17.83 -2.03
C LYS A 208 19.90 18.55 -2.70
N ASP A 209 18.69 18.05 -2.46
CA ASP A 209 17.51 18.66 -3.09
C ASP A 209 17.48 20.15 -2.82
N VAL A 210 17.32 20.52 -1.55
CA VAL A 210 17.41 21.91 -1.11
C VAL A 210 18.51 22.63 -1.84
N ALA A 211 19.73 22.15 -1.65
CA ALA A 211 20.91 22.70 -2.32
C ALA A 211 20.61 23.17 -3.75
N LYS A 212 20.19 22.25 -4.60
CA LYS A 212 19.96 22.56 -6.02
C LYS A 212 18.89 23.63 -6.19
N HIS A 213 17.79 23.48 -5.43
CA HIS A 213 16.68 24.42 -5.47
C HIS A 213 17.11 25.85 -5.14
N LEU A 214 18.21 25.97 -4.41
CA LEU A 214 18.71 27.26 -3.97
C LEU A 214 19.83 27.78 -4.88
N GLY A 215 19.94 27.18 -6.07
CA GLY A 215 20.90 27.63 -7.08
C GLY A 215 22.31 27.06 -7.02
N PHE A 216 22.52 26.04 -6.19
CA PHE A 216 23.88 25.47 -6.02
C PHE A 216 24.05 24.13 -6.76
N GLN A 217 25.25 23.89 -7.28
CA GLN A 217 25.46 22.84 -8.27
C GLN A 217 26.28 21.63 -7.80
N SER A 218 26.89 21.77 -6.62
CA SER A 218 27.67 20.70 -6.03
C SER A 218 27.71 20.96 -4.54
N ALA A 219 28.04 19.93 -3.76
CA ALA A 219 28.14 20.09 -2.31
C ALA A 219 29.16 21.16 -1.94
N GLU A 220 30.27 21.21 -2.68
CA GLU A 220 31.32 22.18 -2.42
C GLU A 220 30.77 23.60 -2.39
N GLU A 221 30.02 23.92 -3.44
CA GLU A 221 29.52 25.26 -3.67
C GLU A 221 28.42 25.58 -2.68
N ALA A 222 27.50 24.65 -2.50
CA ALA A 222 26.44 24.82 -1.52
C ALA A 222 27.06 25.22 -0.19
N LEU A 223 27.97 24.39 0.28
CA LEU A 223 28.62 24.62 1.57
C LEU A 223 29.24 26.01 1.68
N ARG A 224 29.98 26.43 0.66
CA ARG A 224 30.53 27.78 0.63
C ARG A 224 29.41 28.81 0.77
N GLY A 225 28.43 28.74 -0.12
CA GLY A 225 27.34 29.70 -0.16
C GLY A 225 26.28 29.63 0.93
N LEU A 226 26.37 28.62 1.80
CA LEU A 226 25.37 28.47 2.85
C LEU A 226 25.92 28.58 4.26
N TYR A 227 27.24 28.59 4.42
CA TYR A 227 27.81 28.60 5.76
C TYR A 227 27.45 29.89 6.50
N GLY A 228 27.22 30.97 5.74
CA GLY A 228 26.87 32.25 6.32
C GLY A 228 25.69 32.18 7.28
N ARG A 229 24.77 31.24 7.02
CA ARG A 229 23.50 31.16 7.72
C ARG A 229 23.51 30.38 9.04
N VAL A 230 24.66 29.83 9.42
CA VAL A 230 24.70 28.95 10.60
C VAL A 230 25.20 29.60 11.87
N ARG A 231 24.80 29.03 12.99
CA ARG A 231 25.24 29.46 14.30
C ARG A 231 26.76 29.50 14.33
N LYS A 232 27.34 30.40 15.13
CA LYS A 232 28.78 30.49 15.31
C LYS A 232 29.32 29.18 15.89
N GLY A 233 30.14 28.46 15.11
CA GLY A 233 30.76 27.23 15.57
C GLY A 233 30.09 25.95 15.10
N ALA A 234 29.20 26.05 14.12
CA ALA A 234 28.44 24.90 13.68
C ALA A 234 29.16 24.20 12.55
N VAL A 235 28.69 22.99 12.23
CA VAL A 235 29.18 22.26 11.07
C VAL A 235 28.02 22.07 10.10
N LEU A 236 28.19 22.55 8.87
CA LEU A 236 27.19 22.37 7.84
C LEU A 236 27.51 21.10 7.06
N VAL A 237 26.59 20.14 7.01
CA VAL A 237 26.82 18.90 6.28
C VAL A 237 25.92 18.78 5.07
N CYS A 238 26.44 18.25 3.97
CA CYS A 238 25.62 18.10 2.77
C CYS A 238 26.01 16.87 1.94
N ALA A 239 25.21 15.83 2.06
CA ALA A 239 25.44 14.66 1.23
C ALA A 239 24.99 14.95 -0.22
N TRP A 240 25.43 14.10 -1.15
CA TRP A 240 25.17 14.31 -2.55
C TRP A 240 25.14 12.96 -3.30
N ALA A 241 24.46 11.97 -2.73
CA ALA A 241 24.36 10.64 -3.33
C ALA A 241 25.72 10.11 -3.81
N GLU A 242 25.76 9.52 -5.01
CA GLU A 242 26.98 8.84 -5.48
C GLU A 242 28.23 9.71 -5.43
N GLU A 243 28.05 11.03 -5.36
CA GLU A 243 29.20 11.93 -5.36
C GLU A 243 29.93 11.96 -4.03
N GLY A 244 29.29 11.44 -2.99
CA GLY A 244 29.82 11.54 -1.64
C GLY A 244 29.18 12.64 -0.81
N ALA A 245 29.78 12.96 0.32
CA ALA A 245 29.25 14.01 1.17
C ALA A 245 30.40 14.88 1.57
N ASP A 246 30.07 16.13 1.89
CA ASP A 246 31.06 17.13 2.30
C ASP A 246 30.60 17.83 3.56
N ALA A 247 31.53 18.50 4.23
CA ALA A 247 31.22 19.18 5.46
C ALA A 247 32.04 20.47 5.53
N LEU A 248 31.59 21.42 6.36
CA LEU A 248 32.30 22.68 6.52
C LEU A 248 32.17 23.14 7.97
N GLY A 249 33.31 23.39 8.62
CA GLY A 249 33.33 23.84 10.01
C GLY A 249 33.79 25.28 10.20
N PRO A 250 33.95 25.70 11.46
CA PRO A 250 34.40 27.07 11.73
C PRO A 250 35.77 27.37 11.13
N ASP A 251 36.65 26.36 11.08
CA ASP A 251 38.02 26.56 10.59
C ASP A 251 38.04 26.87 9.09
N GLY A 252 36.87 26.86 8.47
CA GLY A 252 36.74 27.24 7.07
C GLY A 252 37.27 26.19 6.10
N LYS A 253 37.70 25.05 6.61
CA LYS A 253 38.24 24.01 5.75
C LYS A 253 37.17 23.05 5.24
N LEU A 254 37.13 22.87 3.94
CA LEU A 254 36.21 21.92 3.32
C LEU A 254 36.64 20.49 3.64
N LEU A 255 35.69 19.66 4.05
CA LEU A 255 35.97 18.25 4.25
C LEU A 255 35.21 17.44 3.22
N HIS A 256 35.81 16.35 2.74
CA HIS A 256 35.10 15.50 1.78
C HIS A 256 35.25 14.02 2.07
N SER A 257 34.26 13.24 1.64
CA SER A 257 34.36 11.80 1.71
C SER A 257 33.69 11.21 0.51
N ASP A 258 34.41 10.37 -0.23
CA ASP A 258 33.77 9.61 -1.30
C ASP A 258 32.61 8.77 -0.75
N ALA A 259 31.72 8.36 -1.64
CA ALA A 259 30.66 7.42 -1.33
C ALA A 259 31.20 6.00 -1.30
N PHE A 260 30.39 5.06 -0.80
CA PHE A 260 30.74 3.65 -0.84
C PHE A 260 29.70 2.84 -1.62
N PRO A 261 29.73 2.91 -2.95
CA PRO A 261 28.79 2.13 -3.78
C PRO A 261 28.78 0.64 -3.46
N PRO A 262 27.59 0.09 -3.19
CA PRO A 262 27.47 -1.35 -3.08
C PRO A 262 27.54 -1.93 -4.50
N PRO A 263 27.79 -3.25 -4.64
CA PRO A 263 27.82 -3.84 -5.98
C PRO A 263 26.64 -3.36 -6.82
N ARG A 264 25.43 -3.73 -6.39
CA ARG A 264 24.18 -3.26 -7.01
C ARG A 264 23.34 -2.36 -6.09
N VAL A 265 22.99 -1.17 -6.55
CA VAL A 265 22.02 -0.39 -5.77
C VAL A 265 20.60 -0.89 -6.02
N VAL A 266 19.95 -1.43 -4.97
CA VAL A 266 18.65 -2.07 -5.12
C VAL A 266 17.49 -1.44 -4.30
N ASP A 267 17.80 -0.41 -3.50
CA ASP A 267 16.82 0.22 -2.60
C ASP A 267 17.35 1.42 -1.78
N THR A 268 17.11 2.65 -2.23
CA THR A 268 17.66 3.81 -1.55
C THR A 268 16.66 4.57 -0.65
N LEU A 269 15.56 3.93 -0.32
CA LEU A 269 14.60 4.56 0.58
C LEU A 269 15.20 4.59 1.97
N GLY A 270 15.34 5.78 2.54
CA GLY A 270 15.88 5.89 3.89
C GLY A 270 17.40 5.95 3.97
N ALA A 271 18.06 6.18 2.83
CA ALA A 271 19.51 6.32 2.85
C ALA A 271 19.93 7.59 3.57
N GLY A 272 19.36 8.72 3.18
CA GLY A 272 19.68 9.98 3.82
C GLY A 272 19.46 9.95 5.33
N ASP A 273 18.43 9.24 5.77
CA ASP A 273 18.17 9.16 7.19
C ASP A 273 19.17 8.20 7.80
N THR A 274 19.70 7.29 6.99
CA THR A 274 20.80 6.46 7.46
C THR A 274 22.09 7.27 7.51
N PHE A 275 22.28 8.14 6.52
CA PHE A 275 23.43 9.00 6.57
C PHE A 275 23.39 9.80 7.88
N ASN A 276 22.31 10.54 8.10
CA ASN A 276 22.23 11.40 9.28
C ASN A 276 22.48 10.66 10.61
N ALA A 277 21.69 9.62 10.87
CA ALA A 277 21.90 8.82 12.06
C ALA A 277 23.37 8.51 12.23
N SER A 278 23.95 7.88 11.22
CA SER A 278 25.36 7.49 11.28
C SER A 278 26.32 8.65 11.57
N VAL A 279 26.10 9.81 10.96
CA VAL A 279 26.97 10.95 11.25
C VAL A 279 26.82 11.31 12.72
N ILE A 280 25.58 11.53 13.12
CA ILE A 280 25.27 11.78 14.50
C ILE A 280 25.95 10.76 15.41
N PHE A 281 25.73 9.47 15.15
CA PHE A 281 26.27 8.44 16.01
C PHE A 281 27.78 8.59 16.18
N SER A 282 28.49 8.70 15.07
CA SER A 282 29.94 8.81 15.13
C SER A 282 30.32 10.03 15.97
N LEU A 283 29.59 11.13 15.82
CA LEU A 283 29.92 12.36 16.51
C LEU A 283 29.73 12.23 18.02
N SER A 284 28.61 11.63 18.42
CA SER A 284 28.32 11.45 19.85
C SER A 284 29.35 10.53 20.54
N GLN A 285 30.15 9.83 19.74
CA GLN A 285 31.23 8.96 20.23
C GLN A 285 32.56 9.69 20.14
N GLY A 286 32.49 10.98 19.83
CA GLY A 286 33.66 11.83 19.87
C GLY A 286 34.62 11.72 18.71
N ARG A 287 34.26 10.96 17.69
CA ARG A 287 35.07 10.88 16.50
C ARG A 287 35.13 12.28 15.85
N SER A 288 36.03 12.46 14.89
CA SER A 288 36.19 13.75 14.23
C SER A 288 35.22 13.93 13.08
N VAL A 289 35.04 15.16 12.63
CA VAL A 289 34.07 15.41 11.57
C VAL A 289 34.42 14.69 10.29
N GLN A 290 35.70 14.65 9.95
CA GLN A 290 36.13 13.86 8.80
C GLN A 290 35.78 12.39 9.02
N GLU A 291 35.93 11.92 10.24
CA GLU A 291 35.67 10.51 10.51
C GLU A 291 34.17 10.17 10.48
N ALA A 292 33.34 11.10 10.92
CA ALA A 292 31.91 10.90 10.89
C ALA A 292 31.37 10.97 9.46
N LEU A 293 31.86 11.94 8.68
CA LEU A 293 31.45 12.09 7.29
C LEU A 293 31.70 10.76 6.54
N ARG A 294 32.85 10.19 6.82
CA ARG A 294 33.27 8.97 6.21
C ARG A 294 32.39 7.78 6.65
N PHE A 295 32.01 7.76 7.92
CA PHE A 295 31.21 6.67 8.44
C PHE A 295 29.78 6.73 7.88
N GLY A 296 29.20 7.94 7.86
CA GLY A 296 27.93 8.20 7.20
C GLY A 296 27.86 7.57 5.82
N CYS A 297 28.82 7.91 4.97
CA CYS A 297 28.85 7.33 3.64
C CYS A 297 29.00 5.82 3.73
N GLN A 298 29.83 5.35 4.64
CA GLN A 298 30.05 3.93 4.77
C GLN A 298 28.74 3.19 5.04
N VAL A 299 27.88 3.78 5.87
CA VAL A 299 26.65 3.07 6.25
C VAL A 299 25.52 3.25 5.24
N ALA A 300 25.23 4.50 4.84
CA ALA A 300 24.25 4.75 3.77
C ALA A 300 24.57 3.88 2.55
N GLY A 301 25.87 3.68 2.32
CA GLY A 301 26.34 2.94 1.18
C GLY A 301 25.98 1.49 1.31
N LYS A 302 26.25 0.93 2.48
CA LYS A 302 25.93 -0.46 2.76
C LYS A 302 24.41 -0.64 2.64
N LYS A 303 23.67 0.32 3.19
CA LYS A 303 22.21 0.28 3.15
C LYS A 303 21.63 0.16 1.72
N CYS A 304 22.14 0.93 0.76
CA CYS A 304 21.63 0.92 -0.62
C CYS A 304 21.75 -0.45 -1.33
N GLY A 305 22.54 -1.35 -0.78
CA GLY A 305 22.67 -2.65 -1.39
C GLY A 305 21.72 -3.62 -0.77
N LEU A 306 20.85 -3.14 0.09
CA LEU A 306 19.87 -4.01 0.74
C LEU A 306 18.41 -3.50 0.76
N GLN A 307 17.48 -4.44 0.72
CA GLN A 307 16.08 -4.13 1.00
C GLN A 307 15.94 -4.00 2.53
N GLY A 308 15.58 -2.81 2.99
CA GLY A 308 15.33 -2.61 4.41
C GLY A 308 16.51 -2.03 5.15
N PHE A 309 16.62 -2.34 6.45
CA PHE A 309 17.72 -1.83 7.26
C PHE A 309 18.46 -2.98 7.91
N ASP A 310 17.73 -4.03 8.25
CA ASP A 310 18.34 -5.24 8.74
C ASP A 310 19.59 -5.57 7.93
N GLY A 311 20.74 -5.61 8.57
CA GLY A 311 21.92 -6.09 7.90
C GLY A 311 22.95 -5.04 7.52
N ILE A 312 22.70 -3.78 7.85
CA ILE A 312 23.72 -2.75 7.66
C ILE A 312 24.82 -2.96 8.70
N VAL A 313 24.49 -3.73 9.73
CA VAL A 313 25.49 -4.23 10.67
C VAL A 313 25.22 -5.70 11.03
N GLY B 13 -20.05 -19.80 14.15
CA GLY B 13 -21.39 -20.20 14.56
C GLY B 13 -22.11 -21.05 13.50
N LEU B 14 -23.34 -21.46 13.83
CA LEU B 14 -24.11 -22.40 13.03
C LEU B 14 -24.65 -21.77 11.75
N VAL B 15 -24.52 -22.48 10.63
CA VAL B 15 -25.06 -22.05 9.33
C VAL B 15 -26.05 -23.08 8.80
N PRO B 16 -27.32 -22.71 8.63
CA PRO B 16 -28.28 -23.70 8.14
C PRO B 16 -27.86 -24.37 6.84
N ARG B 17 -28.21 -25.65 6.69
CA ARG B 17 -27.95 -26.39 5.46
C ARG B 17 -28.49 -25.61 4.23
N GLY B 18 -27.75 -25.64 3.12
CA GLY B 18 -28.16 -25.04 1.86
C GLY B 18 -28.64 -23.59 1.94
N SER B 19 -27.95 -22.77 2.72
CA SER B 19 -28.34 -21.36 2.89
C SER B 19 -27.41 -20.32 2.23
N GLN B 20 -26.13 -20.65 2.07
CA GLN B 20 -25.13 -19.67 1.62
C GLN B 20 -24.77 -19.76 0.15
N ILE B 21 -24.34 -18.64 -0.40
CA ILE B 21 -23.69 -18.62 -1.69
C ILE B 21 -22.21 -18.43 -1.42
N LEU B 22 -21.36 -19.29 -1.96
CA LEU B 22 -19.93 -19.18 -1.75
C LEU B 22 -19.24 -18.57 -2.98
N CYS B 23 -18.31 -17.64 -2.81
CA CYS B 23 -17.53 -17.18 -3.96
C CYS B 23 -16.08 -17.50 -3.76
N VAL B 24 -15.47 -18.18 -4.71
CA VAL B 24 -14.10 -18.62 -4.59
C VAL B 24 -13.20 -17.79 -5.48
N GLY B 25 -12.30 -17.01 -4.91
CA GLY B 25 -11.41 -16.25 -5.74
C GLY B 25 -10.45 -15.38 -4.96
N LEU B 26 -10.05 -14.27 -5.59
CA LEU B 26 -9.01 -13.38 -5.11
C LEU B 26 -9.58 -12.33 -4.18
N VAL B 27 -8.86 -12.03 -3.10
CA VAL B 27 -9.07 -10.79 -2.38
C VAL B 27 -7.75 -10.03 -2.37
N VAL B 28 -7.84 -8.70 -2.40
CA VAL B 28 -6.65 -7.89 -2.47
C VAL B 28 -6.91 -6.55 -1.82
N LEU B 29 -5.91 -6.01 -1.14
CA LEU B 29 -6.00 -4.69 -0.58
C LEU B 29 -5.54 -3.72 -1.66
N ASP B 30 -6.38 -2.75 -2.04
CA ASP B 30 -5.99 -1.74 -3.02
C ASP B 30 -5.76 -0.44 -2.28
N VAL B 31 -4.56 0.10 -2.40
CA VAL B 31 -4.30 1.42 -1.89
C VAL B 31 -4.46 2.32 -3.11
N ILE B 32 -5.31 3.33 -2.98
CA ILE B 32 -5.71 4.17 -4.11
C ILE B 32 -5.42 5.64 -3.82
N SER B 33 -4.47 6.21 -4.56
CA SER B 33 -4.00 7.57 -4.28
C SER B 33 -4.44 8.55 -5.37
N LEU B 34 -5.05 9.66 -4.95
CA LEU B 34 -5.48 10.70 -5.89
C LEU B 34 -4.44 11.83 -5.98
N VAL B 35 -3.88 12.04 -7.17
CA VAL B 35 -2.78 13.00 -7.32
C VAL B 35 -3.00 14.12 -8.34
N ASP B 36 -2.27 15.23 -8.14
CA ASP B 36 -2.30 16.41 -8.99
C ASP B 36 -1.76 16.08 -10.36
N LYS B 37 -0.43 15.99 -10.47
CA LYS B 37 0.16 15.39 -11.66
C LYS B 37 0.81 14.05 -11.37
N TYR B 38 1.08 13.29 -12.42
CA TYR B 38 1.77 12.02 -12.29
C TYR B 38 3.17 12.25 -11.71
N PRO B 39 3.55 11.47 -10.68
CA PRO B 39 4.87 11.62 -10.04
C PRO B 39 6.02 11.26 -10.98
N LYS B 40 6.98 12.16 -11.14
CA LYS B 40 8.22 11.82 -11.84
C LYS B 40 8.97 10.87 -10.94
N GLU B 41 9.65 9.88 -11.50
CA GLU B 41 10.42 8.93 -10.71
C GLU B 41 11.33 9.65 -9.70
N ASP B 42 11.45 9.06 -8.52
CA ASP B 42 12.35 9.52 -7.46
C ASP B 42 11.93 10.78 -6.71
N SER B 43 10.63 11.04 -6.64
CA SER B 43 10.13 12.21 -5.92
C SER B 43 9.30 11.83 -4.68
N GLU B 44 9.18 12.80 -3.76
CA GLU B 44 8.36 12.65 -2.58
C GLU B 44 7.20 13.62 -2.73
N ILE B 45 6.00 13.13 -3.02
CA ILE B 45 4.86 14.05 -3.19
C ILE B 45 3.69 13.77 -2.23
N ARG B 46 2.93 14.82 -1.92
CA ARG B 46 1.68 14.65 -1.20
C ARG B 46 0.61 14.27 -2.23
N CYS B 47 -0.29 13.38 -1.84
CA CYS B 47 -1.45 13.12 -2.67
C CYS B 47 -2.56 14.08 -2.25
N LEU B 48 -3.67 14.09 -2.98
CA LEU B 48 -4.86 14.84 -2.58
C LEU B 48 -5.68 14.01 -1.58
N SER B 49 -6.03 12.79 -1.98
CA SER B 49 -6.65 11.84 -1.05
C SER B 49 -6.18 10.40 -1.26
N GLN B 50 -6.41 9.57 -0.25
CA GLN B 50 -6.01 8.17 -0.30
C GLN B 50 -7.05 7.26 0.31
N ARG B 51 -7.29 6.12 -0.34
CA ARG B 51 -8.22 5.14 0.16
C ARG B 51 -7.59 3.75 0.26
N TRP B 52 -7.93 3.01 1.31
CA TRP B 52 -7.67 1.59 1.31
C TRP B 52 -8.99 0.91 1.04
N GLN B 53 -9.01 0.06 0.04
CA GLN B 53 -10.23 -0.65 -0.30
C GLN B 53 -9.98 -2.13 -0.38
N ARG B 54 -10.94 -2.91 0.07
CA ARG B 54 -10.91 -4.32 -0.25
C ARG B 54 -11.29 -4.45 -1.72
N GLY B 55 -10.60 -5.34 -2.44
CA GLY B 55 -10.73 -5.47 -3.88
C GLY B 55 -10.70 -6.93 -4.27
N GLY B 56 -10.75 -7.22 -5.58
CA GLY B 56 -10.78 -8.59 -6.09
C GLY B 56 -12.17 -9.03 -6.50
N ASN B 57 -12.27 -9.91 -7.51
CA ASN B 57 -13.56 -10.27 -8.08
C ASN B 57 -14.50 -10.98 -7.12
N ALA B 58 -14.04 -12.11 -6.58
CA ALA B 58 -14.88 -12.87 -5.69
C ALA B 58 -15.18 -12.01 -4.46
N SER B 59 -14.24 -11.13 -4.15
CA SER B 59 -14.37 -10.28 -2.97
C SER B 59 -15.55 -9.32 -3.10
N ASN B 60 -15.66 -8.65 -4.25
CA ASN B 60 -16.69 -7.67 -4.42
C ASN B 60 -18.04 -8.35 -4.51
N SER B 61 -18.11 -9.47 -5.22
CA SER B 61 -19.38 -10.12 -5.35
C SER B 61 -19.96 -10.43 -3.97
N CYS B 62 -19.09 -10.80 -3.02
CA CYS B 62 -19.55 -11.15 -1.69
C CYS B 62 -20.14 -9.90 -1.06
N THR B 63 -19.41 -8.81 -1.15
CA THR B 63 -19.98 -7.55 -0.69
C THR B 63 -21.38 -7.35 -1.27
N VAL B 64 -21.51 -7.40 -2.60
CA VAL B 64 -22.82 -7.21 -3.22
C VAL B 64 -23.89 -8.19 -2.67
N LEU B 65 -23.60 -9.49 -2.72
CA LEU B 65 -24.55 -10.46 -2.21
C LEU B 65 -25.02 -10.14 -0.77
N SER B 66 -24.16 -9.57 0.07
CA SER B 66 -24.61 -9.19 1.40
C SER B 66 -25.53 -7.99 1.40
N LEU B 67 -25.15 -6.94 0.68
CA LEU B 67 -26.01 -5.77 0.55
C LEU B 67 -27.35 -6.18 -0.02
N LEU B 68 -27.35 -7.18 -0.89
CA LEU B 68 -28.56 -7.66 -1.52
C LEU B 68 -29.36 -8.55 -0.61
N GLY B 69 -28.78 -8.93 0.53
CA GLY B 69 -29.46 -9.76 1.51
C GLY B 69 -29.26 -11.28 1.47
N ALA B 70 -28.34 -11.78 0.66
CA ALA B 70 -28.00 -13.21 0.75
C ALA B 70 -26.93 -13.49 1.80
N PRO B 71 -27.13 -14.54 2.60
CA PRO B 71 -26.04 -15.05 3.44
C PRO B 71 -24.93 -15.48 2.52
N CYS B 72 -23.69 -15.06 2.73
CA CYS B 72 -22.60 -15.41 1.81
C CYS B 72 -21.26 -15.57 2.48
N ALA B 73 -20.41 -16.36 1.84
CA ALA B 73 -19.09 -16.68 2.34
C ALA B 73 -18.09 -16.49 1.23
N PHE B 74 -16.84 -16.24 1.62
CA PHE B 74 -15.76 -16.09 0.68
C PHE B 74 -14.65 -17.15 0.94
N MET B 75 -14.18 -17.76 -0.14
CA MET B 75 -13.00 -18.62 -0.08
C MET B 75 -11.90 -18.12 -1.01
N GLY B 76 -10.79 -17.66 -0.43
CA GLY B 76 -9.64 -17.22 -1.16
C GLY B 76 -8.47 -17.35 -0.22
N SER B 77 -7.26 -17.07 -0.67
CA SER B 77 -6.08 -17.27 0.14
C SER B 77 -5.59 -16.02 0.86
N MET B 78 -5.32 -16.15 2.16
CA MET B 78 -4.63 -15.08 2.86
C MET B 78 -3.42 -15.56 3.65
N ALA B 79 -2.58 -14.62 4.07
CA ALA B 79 -1.43 -14.88 4.93
C ALA B 79 -1.64 -14.09 6.19
N PRO B 80 -1.47 -14.76 7.35
CA PRO B 80 -1.55 -14.04 8.62
C PRO B 80 -0.62 -12.83 8.54
N GLY B 81 -1.13 -11.68 8.95
CA GLY B 81 -0.38 -10.44 8.87
C GLY B 81 -1.33 -9.29 9.08
N HIS B 82 -0.80 -8.07 9.00
CA HIS B 82 -1.65 -6.90 9.19
C HIS B 82 -2.56 -6.58 7.99
N VAL B 83 -2.16 -7.02 6.80
CA VAL B 83 -2.99 -6.82 5.61
C VAL B 83 -4.24 -7.73 5.70
N ALA B 84 -4.04 -9.00 5.97
CA ALA B 84 -5.20 -9.86 6.23
C ALA B 84 -6.14 -9.19 7.23
N ASP B 85 -5.58 -8.70 8.33
CA ASP B 85 -6.39 -8.15 9.41
C ASP B 85 -7.35 -7.09 8.86
N PHE B 86 -6.82 -6.20 8.03
CA PHE B 86 -7.66 -5.14 7.48
C PHE B 86 -8.71 -5.72 6.55
N LEU B 87 -8.25 -6.61 5.66
CA LEU B 87 -9.14 -7.29 4.73
C LEU B 87 -10.25 -8.03 5.44
N VAL B 88 -9.89 -8.77 6.49
CA VAL B 88 -10.90 -9.51 7.23
C VAL B 88 -11.84 -8.57 7.97
N ALA B 89 -11.34 -7.44 8.42
CA ALA B 89 -12.23 -6.52 9.08
C ALA B 89 -13.22 -5.87 8.07
N ASP B 90 -12.75 -5.55 6.85
CA ASP B 90 -13.67 -5.02 5.84
C ASP B 90 -14.70 -6.07 5.37
N PHE B 91 -14.25 -7.30 5.14
CA PHE B 91 -15.20 -8.34 4.82
C PHE B 91 -16.27 -8.31 5.87
N ARG B 92 -15.86 -8.40 7.13
CA ARG B 92 -16.81 -8.57 8.23
C ARG B 92 -17.72 -7.36 8.37
N ARG B 93 -17.17 -6.19 8.08
CA ARG B 93 -17.94 -4.97 8.06
C ARG B 93 -19.11 -5.04 7.04
N ARG B 94 -18.93 -5.81 5.96
CA ARG B 94 -19.99 -6.07 4.99
C ARG B 94 -20.78 -7.39 5.18
N GLY B 95 -20.69 -8.00 6.35
CA GLY B 95 -21.48 -9.18 6.64
C GLY B 95 -21.00 -10.49 6.00
N VAL B 96 -19.80 -10.48 5.43
CA VAL B 96 -19.29 -11.68 4.77
C VAL B 96 -18.71 -12.74 5.70
N ASP B 97 -19.01 -14.00 5.42
CA ASP B 97 -18.49 -15.11 6.22
C ASP B 97 -17.12 -15.52 5.71
N VAL B 98 -16.13 -15.53 6.61
CA VAL B 98 -14.73 -15.74 6.20
C VAL B 98 -14.17 -17.00 6.82
N SER B 99 -15.05 -17.81 7.37
CA SER B 99 -14.66 -19.03 8.01
C SER B 99 -13.98 -20.01 7.04
N GLN B 100 -14.12 -19.79 5.72
CA GLN B 100 -13.58 -20.75 4.76
C GLN B 100 -12.30 -20.29 4.11
N VAL B 101 -11.81 -19.12 4.50
CA VAL B 101 -10.50 -18.63 4.02
C VAL B 101 -9.42 -19.72 4.12
N ALA B 102 -8.51 -19.73 3.16
CA ALA B 102 -7.42 -20.69 3.12
C ALA B 102 -6.14 -20.04 3.58
N TRP B 103 -5.89 -20.07 4.88
CA TRP B 103 -4.70 -19.45 5.45
C TRP B 103 -3.45 -20.18 4.96
N GLN B 104 -2.49 -19.39 4.48
CA GLN B 104 -1.26 -19.89 3.86
C GLN B 104 -0.06 -19.69 4.77
N SER B 105 0.89 -20.63 4.72
CA SER B 105 2.10 -20.47 5.53
C SER B 105 3.18 -19.72 4.74
N LYS B 106 3.02 -19.67 3.43
CA LYS B 106 3.98 -19.03 2.54
C LYS B 106 3.34 -17.83 1.84
N GLY B 107 4.12 -16.77 1.60
CA GLY B 107 3.73 -15.69 0.71
C GLY B 107 3.12 -14.41 1.29
N ASP B 108 3.00 -13.40 0.43
CA ASP B 108 2.38 -12.11 0.77
C ASP B 108 0.87 -12.11 0.49
N THR B 109 0.09 -11.46 1.35
CA THR B 109 -1.30 -11.20 1.00
C THR B 109 -1.35 -10.08 -0.06
N PRO B 110 -2.10 -10.30 -1.14
CA PRO B 110 -2.08 -9.42 -2.31
C PRO B 110 -2.43 -7.99 -1.95
N SER B 111 -1.61 -7.05 -2.39
CA SER B 111 -1.87 -5.64 -2.18
C SER B 111 -1.43 -4.87 -3.42
N SER B 112 -2.19 -3.86 -3.80
CA SER B 112 -1.91 -3.13 -5.03
C SER B 112 -1.89 -1.66 -4.76
N CYS B 113 -1.04 -0.96 -5.49
CA CYS B 113 -0.97 0.50 -5.42
C CYS B 113 -1.57 1.04 -6.71
N CYS B 114 -2.63 1.84 -6.58
N CYS B 114 -2.62 1.85 -6.58
CA CYS B 114 -3.19 2.51 -7.75
CA CYS B 114 -3.28 2.49 -7.72
C CYS B 114 -3.09 4.02 -7.61
C CYS B 114 -3.15 4.02 -7.62
N ILE B 115 -2.64 4.66 -8.68
CA ILE B 115 -2.43 6.10 -8.65
C ILE B 115 -3.29 6.81 -9.70
N ILE B 116 -4.19 7.66 -9.23
CA ILE B 116 -5.15 8.35 -10.10
C ILE B 116 -4.83 9.83 -10.32
N ASN B 117 -4.53 10.16 -11.58
CA ASN B 117 -4.21 11.52 -11.96
C ASN B 117 -5.48 12.33 -12.03
N ASN B 118 -5.53 13.42 -11.27
CA ASN B 118 -6.71 14.25 -11.19
C ASN B 118 -7.05 14.94 -12.50
N SER B 119 -6.10 15.69 -13.04
CA SER B 119 -6.32 16.50 -14.23
C SER B 119 -6.29 15.68 -15.52
N ASN B 120 -7.17 14.68 -15.61
CA ASN B 120 -7.31 13.87 -16.82
C ASN B 120 -8.01 12.52 -16.56
N GLY B 121 -7.86 12.02 -15.34
CA GLY B 121 -8.54 10.79 -14.94
C GLY B 121 -7.74 9.52 -15.11
N ASN B 122 -6.50 9.63 -15.58
CA ASN B 122 -5.64 8.46 -15.79
C ASN B 122 -5.34 7.61 -14.56
N ARG B 123 -5.42 6.30 -14.75
CA ARG B 123 -5.19 5.34 -13.70
C ARG B 123 -3.94 4.50 -13.99
N THR B 124 -2.90 4.67 -13.17
CA THR B 124 -1.72 3.82 -13.28
C THR B 124 -1.72 2.76 -12.18
N ILE B 125 -1.31 1.54 -12.51
CA ILE B 125 -1.38 0.45 -11.52
C ILE B 125 -0.12 -0.41 -11.34
N VAL B 126 0.37 -0.44 -10.10
CA VAL B 126 1.32 -1.46 -9.69
C VAL B 126 0.52 -2.60 -9.09
N LEU B 127 0.49 -3.69 -9.83
CA LEU B 127 -0.33 -4.85 -9.53
C LEU B 127 0.32 -5.69 -8.43
N HIS B 128 -0.50 -6.38 -7.63
CA HIS B 128 0.01 -7.19 -6.52
C HIS B 128 1.00 -8.27 -7.00
N ASP B 129 1.87 -8.73 -6.10
CA ASP B 129 2.87 -9.73 -6.50
C ASP B 129 2.23 -11.12 -6.56
N THR B 130 3.03 -12.11 -6.91
CA THR B 130 2.54 -13.46 -7.18
C THR B 130 2.98 -14.46 -6.12
N SER B 131 3.45 -13.95 -4.99
CA SER B 131 4.00 -14.81 -3.93
C SER B 131 3.02 -15.81 -3.30
N LEU B 132 1.76 -15.42 -3.11
CA LEU B 132 0.81 -16.26 -2.40
C LEU B 132 0.18 -17.36 -3.27
N PRO B 133 0.10 -18.59 -2.74
CA PRO B 133 -0.51 -19.72 -3.44
C PRO B 133 -2.03 -19.61 -3.53
N ASP B 134 -2.60 -19.87 -4.70
CA ASP B 134 -4.04 -19.92 -4.84
C ASP B 134 -4.64 -21.11 -4.10
N VAL B 135 -5.91 -20.99 -3.76
CA VAL B 135 -6.70 -22.10 -3.24
C VAL B 135 -6.50 -23.32 -4.12
N SER B 136 -6.45 -24.49 -3.51
CA SER B 136 -6.15 -25.70 -4.28
C SER B 136 -7.25 -26.75 -4.14
N ALA B 137 -7.17 -27.78 -4.97
CA ALA B 137 -8.21 -28.79 -4.97
C ALA B 137 -8.25 -29.53 -3.63
N THR B 138 -7.11 -29.66 -2.98
CA THR B 138 -7.10 -30.33 -1.68
C THR B 138 -7.59 -29.39 -0.60
N ASP B 139 -7.12 -28.14 -0.66
CA ASP B 139 -7.64 -27.12 0.22
C ASP B 139 -9.17 -27.24 0.14
N PHE B 140 -9.68 -27.21 -1.09
CA PHE B 140 -11.12 -27.22 -1.34
C PHE B 140 -11.83 -28.50 -0.90
N GLU B 141 -11.11 -29.61 -1.04
CA GLU B 141 -11.57 -30.92 -0.61
C GLU B 141 -12.03 -30.87 0.84
N LYS B 142 -11.32 -30.09 1.67
CA LYS B 142 -11.53 -30.07 3.11
C LYS B 142 -12.83 -29.42 3.51
N VAL B 143 -13.63 -29.00 2.54
CA VAL B 143 -14.81 -28.16 2.82
C VAL B 143 -16.16 -28.87 2.74
N ASP B 144 -16.90 -28.83 3.86
CA ASP B 144 -18.19 -29.47 3.90
C ASP B 144 -19.23 -28.61 3.18
N LEU B 145 -19.62 -29.09 2.01
CA LEU B 145 -20.47 -28.33 1.11
C LEU B 145 -21.91 -28.08 1.61
N THR B 146 -22.42 -28.86 2.54
CA THR B 146 -23.84 -28.76 2.82
C THR B 146 -24.40 -27.35 3.06
N GLN B 147 -23.57 -26.40 3.46
CA GLN B 147 -24.08 -25.06 3.79
C GLN B 147 -24.50 -24.25 2.56
N PHE B 148 -23.96 -24.63 1.40
CA PHE B 148 -24.08 -23.82 0.22
C PHE B 148 -25.24 -24.20 -0.69
N LYS B 149 -26.02 -23.20 -1.12
CA LYS B 149 -27.01 -23.43 -2.16
C LYS B 149 -26.39 -23.16 -3.52
N TRP B 150 -25.31 -22.38 -3.56
CA TRP B 150 -24.72 -21.93 -4.82
C TRP B 150 -23.24 -21.73 -4.59
N ILE B 151 -22.42 -22.18 -5.51
CA ILE B 151 -21.01 -21.88 -5.43
C ILE B 151 -20.59 -21.24 -6.75
N HIS B 152 -19.87 -20.12 -6.67
CA HIS B 152 -19.39 -19.37 -7.82
C HIS B 152 -17.86 -19.26 -7.83
N ILE B 153 -17.24 -19.44 -8.99
CA ILE B 153 -15.79 -19.55 -8.98
C ILE B 153 -15.08 -18.62 -9.93
N GLU B 154 -14.39 -17.62 -9.38
CA GLU B 154 -13.57 -16.73 -10.19
C GLU B 154 -12.51 -17.58 -10.88
N GLY B 155 -12.35 -17.41 -12.18
CA GLY B 155 -11.38 -18.21 -12.91
C GLY B 155 -9.96 -17.74 -12.72
N ARG B 156 -9.14 -18.57 -12.11
CA ARG B 156 -7.77 -18.16 -11.87
C ARG B 156 -6.80 -19.28 -12.22
N ASN B 157 -6.70 -20.24 -11.31
CA ASN B 157 -5.84 -21.41 -11.49
C ASN B 157 -6.67 -22.59 -12.01
N ALA B 158 -6.66 -22.73 -13.34
CA ALA B 158 -7.68 -23.51 -14.05
C ALA B 158 -7.72 -24.98 -13.70
N SER B 159 -6.55 -25.63 -13.77
CA SER B 159 -6.50 -27.08 -13.59
C SER B 159 -6.95 -27.51 -12.20
N GLU B 160 -6.70 -26.68 -11.18
CA GLU B 160 -7.15 -27.03 -9.84
C GLU B 160 -8.64 -26.79 -9.68
N GLN B 161 -9.12 -25.68 -10.25
CA GLN B 161 -10.52 -25.32 -10.04
C GLN B 161 -11.40 -26.32 -10.75
N VAL B 162 -10.84 -26.94 -11.80
CA VAL B 162 -11.47 -28.07 -12.46
C VAL B 162 -11.75 -29.24 -11.50
N LYS B 163 -10.76 -29.60 -10.68
CA LYS B 163 -11.00 -30.65 -9.70
C LYS B 163 -12.13 -30.28 -8.73
N MET B 164 -12.22 -29.00 -8.38
CA MET B 164 -13.27 -28.58 -7.44
C MET B 164 -14.66 -28.63 -8.10
N LEU B 165 -14.73 -28.20 -9.36
CA LEU B 165 -15.97 -28.36 -10.11
C LEU B 165 -16.34 -29.85 -10.25
N GLN B 166 -15.34 -30.71 -10.46
CA GLN B 166 -15.64 -32.14 -10.45
C GLN B 166 -16.09 -32.63 -9.06
N ARG B 167 -15.46 -32.14 -7.99
CA ARG B 167 -15.97 -32.51 -6.67
C ARG B 167 -17.47 -32.17 -6.55
N ILE B 168 -17.85 -30.94 -6.92
CA ILE B 168 -19.26 -30.53 -6.81
C ILE B 168 -20.16 -31.38 -7.69
N ASP B 169 -19.65 -31.83 -8.84
CA ASP B 169 -20.43 -32.77 -9.63
C ASP B 169 -20.80 -34.00 -8.77
N ALA B 170 -19.77 -34.73 -8.37
CA ALA B 170 -19.92 -35.82 -7.41
C ALA B 170 -21.01 -35.53 -6.39
N HIS B 171 -20.75 -34.59 -5.48
CA HIS B 171 -21.72 -34.28 -4.44
C HIS B 171 -23.14 -34.27 -4.98
N ASN B 172 -23.35 -33.51 -6.06
CA ASN B 172 -24.67 -33.31 -6.65
C ASN B 172 -25.31 -34.61 -7.12
N THR B 173 -24.51 -35.40 -7.82
CA THR B 173 -24.89 -36.72 -8.34
C THR B 173 -25.82 -37.51 -7.42
N ARG B 174 -25.79 -37.20 -6.13
CA ARG B 174 -26.42 -38.02 -5.10
C ARG B 174 -27.51 -37.30 -4.34
N GLN B 175 -27.92 -36.13 -4.81
CA GLN B 175 -28.90 -35.37 -4.05
C GLN B 175 -30.19 -35.21 -4.82
N PRO B 176 -31.30 -35.11 -4.11
CA PRO B 176 -32.59 -34.80 -4.73
C PRO B 176 -32.43 -33.48 -5.44
N PRO B 177 -33.05 -33.31 -6.60
CA PRO B 177 -32.84 -32.08 -7.35
C PRO B 177 -33.04 -30.82 -6.50
N GLU B 178 -33.81 -30.88 -5.42
CA GLU B 178 -34.07 -29.69 -4.61
C GLU B 178 -33.00 -29.47 -3.52
N GLN B 179 -31.96 -30.30 -3.53
CA GLN B 179 -30.83 -30.15 -2.62
C GLN B 179 -29.54 -30.14 -3.42
N LYS B 180 -29.65 -29.71 -4.66
CA LYS B 180 -28.50 -29.70 -5.54
C LYS B 180 -27.84 -28.33 -5.47
N ILE B 181 -26.52 -28.32 -5.48
CA ILE B 181 -25.76 -27.08 -5.44
C ILE B 181 -25.53 -26.50 -6.85
N ARG B 182 -26.10 -25.32 -7.11
CA ARG B 182 -25.94 -24.68 -8.41
C ARG B 182 -24.52 -24.14 -8.54
N VAL B 183 -23.98 -24.14 -9.76
CA VAL B 183 -22.61 -23.68 -9.90
C VAL B 183 -22.50 -22.62 -10.97
N SER B 184 -21.75 -21.57 -10.67
CA SER B 184 -21.46 -20.56 -11.68
C SER B 184 -19.99 -20.37 -11.73
N VAL B 185 -19.52 -19.86 -12.86
CA VAL B 185 -18.12 -19.83 -13.17
C VAL B 185 -17.87 -18.53 -13.94
N GLU B 186 -16.72 -17.90 -13.73
CA GLU B 186 -16.42 -16.65 -14.39
C GLU B 186 -15.05 -16.64 -15.06
N VAL B 187 -15.03 -16.32 -16.34
CA VAL B 187 -13.77 -16.20 -17.07
C VAL B 187 -13.57 -14.74 -17.45
N GLU B 188 -12.57 -14.09 -16.88
CA GLU B 188 -12.48 -12.64 -17.04
C GLU B 188 -11.07 -12.15 -17.42
N LYS B 189 -10.06 -12.99 -17.23
CA LYS B 189 -8.74 -12.68 -17.76
C LYS B 189 -8.59 -13.39 -19.11
N PRO B 190 -8.04 -12.69 -20.11
CA PRO B 190 -7.88 -13.23 -21.47
C PRO B 190 -6.76 -14.27 -21.51
N ARG B 191 -6.80 -15.25 -20.61
CA ARG B 191 -5.72 -16.22 -20.49
C ARG B 191 -6.10 -17.56 -21.10
N GLU B 192 -5.20 -18.10 -21.93
CA GLU B 192 -5.43 -19.39 -22.58
C GLU B 192 -5.96 -20.44 -21.61
N GLU B 193 -5.28 -20.59 -20.48
CA GLU B 193 -5.62 -21.64 -19.52
C GLU B 193 -7.08 -21.59 -19.08
N LEU B 194 -7.62 -20.39 -18.91
CA LEU B 194 -8.97 -20.24 -18.35
C LEU B 194 -10.08 -20.92 -19.15
N PHE B 195 -9.88 -21.08 -20.46
CA PHE B 195 -10.96 -21.50 -21.35
C PHE B 195 -11.59 -22.86 -21.04
N GLN B 196 -10.86 -23.74 -20.34
CA GLN B 196 -11.45 -25.04 -20.01
C GLN B 196 -12.65 -24.89 -19.08
N LEU B 197 -12.65 -23.83 -18.26
CA LEU B 197 -13.71 -23.67 -17.28
C LEU B 197 -15.05 -23.49 -17.96
N PHE B 198 -15.04 -23.10 -19.24
CA PHE B 198 -16.28 -22.93 -20.00
C PHE B 198 -17.17 -24.15 -19.86
N GLY B 199 -16.54 -25.33 -19.81
CA GLY B 199 -17.27 -26.59 -19.75
C GLY B 199 -17.89 -26.95 -18.42
N TYR B 200 -17.78 -26.05 -17.45
CA TYR B 200 -18.30 -26.34 -16.13
C TYR B 200 -19.24 -25.26 -15.65
N GLY B 201 -20.09 -25.61 -14.71
CA GLY B 201 -21.03 -24.66 -14.16
C GLY B 201 -22.35 -24.63 -14.90
N ASP B 202 -23.40 -24.35 -14.15
CA ASP B 202 -24.72 -24.12 -14.69
C ASP B 202 -24.80 -22.75 -15.32
N VAL B 203 -24.01 -21.82 -14.82
CA VAL B 203 -23.96 -20.49 -15.40
C VAL B 203 -22.52 -20.08 -15.61
N VAL B 204 -22.23 -19.54 -16.77
CA VAL B 204 -20.89 -19.16 -17.15
C VAL B 204 -20.88 -17.68 -17.56
N PHE B 205 -20.06 -16.88 -16.89
CA PHE B 205 -19.93 -15.46 -17.20
C PHE B 205 -18.65 -15.24 -17.99
N VAL B 206 -18.76 -14.55 -19.11
CA VAL B 206 -17.57 -14.20 -19.88
C VAL B 206 -17.56 -12.68 -20.02
N SER B 207 -16.37 -12.09 -20.09
CA SER B 207 -16.24 -10.63 -20.01
C SER B 207 -16.02 -9.98 -21.36
N LYS B 208 -16.39 -8.70 -21.46
CA LYS B 208 -16.17 -7.97 -22.72
C LYS B 208 -14.73 -8.12 -23.15
N ASP B 209 -13.83 -7.95 -22.20
CA ASP B 209 -12.41 -8.03 -22.46
C ASP B 209 -11.98 -9.41 -22.99
N VAL B 210 -12.50 -10.48 -22.42
CA VAL B 210 -12.09 -11.80 -22.88
C VAL B 210 -12.61 -12.04 -24.28
N ALA B 211 -13.89 -11.72 -24.47
CA ALA B 211 -14.55 -12.02 -25.74
C ALA B 211 -13.90 -11.26 -26.90
N LYS B 212 -13.63 -9.99 -26.68
CA LYS B 212 -12.81 -9.24 -27.63
C LYS B 212 -11.49 -9.97 -27.97
N HIS B 213 -10.76 -10.46 -26.98
CA HIS B 213 -9.49 -11.11 -27.29
C HIS B 213 -9.66 -12.37 -28.14
N LEU B 214 -10.83 -12.97 -28.11
CA LEU B 214 -11.09 -14.09 -28.99
C LEU B 214 -11.69 -13.61 -30.34
N GLY B 215 -11.63 -12.30 -30.58
CA GLY B 215 -12.05 -11.73 -31.85
C GLY B 215 -13.48 -11.26 -32.01
N PHE B 216 -14.39 -11.72 -31.16
CA PHE B 216 -15.79 -11.31 -31.27
C PHE B 216 -15.89 -9.83 -30.96
N GLN B 217 -16.84 -9.15 -31.60
CA GLN B 217 -16.99 -7.72 -31.47
C GLN B 217 -18.27 -7.30 -30.77
N SER B 218 -18.99 -8.26 -30.19
CA SER B 218 -20.21 -7.96 -29.46
C SER B 218 -20.74 -9.18 -28.69
N ALA B 219 -21.51 -8.93 -27.63
CA ALA B 219 -22.12 -10.00 -26.87
C ALA B 219 -22.75 -11.08 -27.75
N GLU B 220 -23.43 -10.66 -28.81
CA GLU B 220 -24.12 -11.63 -29.64
C GLU B 220 -23.10 -12.52 -30.37
N GLU B 221 -22.05 -11.91 -30.88
CA GLU B 221 -21.00 -12.67 -31.54
C GLU B 221 -20.34 -13.62 -30.55
N ALA B 222 -20.20 -13.17 -29.30
CA ALA B 222 -19.50 -13.97 -28.29
C ALA B 222 -20.36 -15.15 -27.81
N LEU B 223 -21.55 -14.86 -27.33
CA LEU B 223 -22.46 -15.93 -26.93
C LEU B 223 -22.59 -17.01 -28.02
N ARG B 224 -22.97 -16.60 -29.23
CA ARG B 224 -23.25 -17.56 -30.30
C ARG B 224 -21.96 -18.24 -30.73
N GLY B 225 -20.85 -17.54 -30.55
CA GLY B 225 -19.56 -18.05 -30.96
C GLY B 225 -18.95 -19.01 -29.97
N LEU B 226 -19.34 -18.88 -28.70
CA LEU B 226 -18.69 -19.63 -27.63
C LEU B 226 -19.62 -20.62 -26.98
N TYR B 227 -20.90 -20.57 -27.29
CA TYR B 227 -21.87 -21.39 -26.56
C TYR B 227 -21.56 -22.86 -26.80
N GLY B 228 -20.84 -23.12 -27.88
CA GLY B 228 -20.50 -24.47 -28.26
C GLY B 228 -19.51 -25.05 -27.26
N ARG B 229 -18.96 -24.20 -26.41
CA ARG B 229 -17.97 -24.66 -25.47
C ARG B 229 -18.59 -25.00 -24.11
N VAL B 230 -19.86 -24.64 -23.90
CA VAL B 230 -20.45 -24.82 -22.58
C VAL B 230 -21.12 -26.15 -22.45
N ARG B 231 -21.16 -26.66 -21.23
CA ARG B 231 -21.73 -27.98 -21.01
C ARG B 231 -23.24 -27.93 -21.23
N LYS B 232 -23.81 -29.06 -21.66
CA LYS B 232 -25.24 -29.12 -21.96
C LYS B 232 -26.07 -28.60 -20.80
N GLY B 233 -27.07 -27.80 -21.13
CA GLY B 233 -27.94 -27.23 -20.13
C GLY B 233 -27.51 -25.84 -19.64
N ALA B 234 -26.29 -25.44 -19.94
CA ALA B 234 -25.78 -24.19 -19.35
C ALA B 234 -26.29 -22.93 -20.03
N VAL B 235 -26.33 -21.87 -19.23
CA VAL B 235 -26.64 -20.54 -19.70
C VAL B 235 -25.35 -19.78 -19.79
N LEU B 236 -25.02 -19.25 -20.97
CA LEU B 236 -23.78 -18.51 -21.18
C LEU B 236 -24.13 -17.02 -21.15
N VAL B 237 -23.37 -16.24 -20.38
CA VAL B 237 -23.74 -14.85 -20.08
C VAL B 237 -22.62 -13.84 -20.38
N CYS B 238 -23.00 -12.72 -21.03
CA CYS B 238 -22.02 -11.69 -21.37
C CYS B 238 -22.53 -10.26 -21.30
N ALA B 239 -21.79 -9.40 -20.60
CA ALA B 239 -22.18 -8.00 -20.43
C ALA B 239 -21.23 -7.09 -21.19
N TRP B 240 -21.75 -5.98 -21.69
CA TRP B 240 -20.99 -5.16 -22.61
C TRP B 240 -21.10 -3.67 -22.26
N ALA B 241 -20.84 -3.36 -21.00
CA ALA B 241 -20.86 -1.99 -20.51
C ALA B 241 -22.19 -1.34 -20.86
N GLU B 242 -22.14 -0.19 -21.52
CA GLU B 242 -23.36 0.60 -21.75
C GLU B 242 -24.24 0.06 -22.88
N GLU B 243 -23.77 -0.99 -23.56
CA GLU B 243 -24.59 -1.68 -24.55
C GLU B 243 -25.51 -2.76 -23.98
N GLY B 244 -25.53 -2.87 -22.65
CA GLY B 244 -26.39 -3.83 -21.97
C GLY B 244 -25.76 -5.19 -21.76
N ALA B 245 -26.61 -6.21 -21.58
CA ALA B 245 -26.11 -7.56 -21.33
C ALA B 245 -26.91 -8.56 -22.10
N ASP B 246 -26.31 -9.68 -22.41
CA ASP B 246 -27.02 -10.74 -23.14
C ASP B 246 -26.93 -12.06 -22.40
N ALA B 247 -27.71 -13.04 -22.82
CA ALA B 247 -27.65 -14.35 -22.23
C ALA B 247 -28.20 -15.40 -23.19
N LEU B 248 -27.65 -16.62 -23.13
CA LEU B 248 -27.93 -17.64 -24.12
C LEU B 248 -28.13 -19.02 -23.49
N GLY B 249 -29.35 -19.52 -23.51
CA GLY B 249 -29.64 -20.80 -22.88
C GLY B 249 -29.57 -21.98 -23.84
N PRO B 250 -29.95 -23.16 -23.36
CA PRO B 250 -29.92 -24.35 -24.21
C PRO B 250 -31.02 -24.29 -25.27
N ASP B 251 -32.05 -23.49 -25.03
CA ASP B 251 -33.12 -23.35 -26.00
C ASP B 251 -32.75 -22.48 -27.22
N GLY B 252 -31.52 -21.99 -27.25
CA GLY B 252 -31.04 -21.19 -28.38
C GLY B 252 -31.47 -19.74 -28.51
N LYS B 253 -32.37 -19.31 -27.64
CA LYS B 253 -32.93 -17.97 -27.70
C LYS B 253 -32.04 -16.91 -27.05
N LEU B 254 -31.44 -16.05 -27.86
CA LEU B 254 -30.60 -14.98 -27.34
C LEU B 254 -31.40 -13.94 -26.56
N LEU B 255 -31.16 -13.86 -25.25
CA LEU B 255 -31.85 -12.89 -24.41
C LEU B 255 -31.05 -11.61 -24.33
N HIS B 256 -31.70 -10.51 -24.00
CA HIS B 256 -31.00 -9.24 -23.91
C HIS B 256 -31.70 -8.23 -23.00
N SER B 257 -30.91 -7.43 -22.31
CA SER B 257 -31.44 -6.29 -21.58
C SER B 257 -30.54 -5.07 -21.81
N ASP B 258 -31.15 -3.93 -22.06
CA ASP B 258 -30.40 -2.70 -22.26
C ASP B 258 -29.81 -2.29 -20.94
N ALA B 259 -28.78 -1.45 -20.98
CA ALA B 259 -28.22 -0.88 -19.77
C ALA B 259 -29.22 0.05 -19.06
N PHE B 260 -28.84 0.53 -17.88
CA PHE B 260 -29.62 1.55 -17.17
C PHE B 260 -28.68 2.67 -16.71
N PRO B 261 -28.50 3.71 -17.53
CA PRO B 261 -27.63 4.82 -17.11
C PRO B 261 -28.06 5.42 -15.77
N PRO B 262 -27.08 5.72 -14.90
CA PRO B 262 -27.37 6.47 -13.67
C PRO B 262 -27.35 7.95 -13.99
N PRO B 263 -28.03 8.78 -13.18
CA PRO B 263 -28.02 10.22 -13.47
C PRO B 263 -26.67 10.72 -13.95
N ARG B 264 -25.58 10.31 -13.31
CA ARG B 264 -24.24 10.49 -13.90
C ARG B 264 -23.19 9.50 -13.38
N VAL B 265 -22.29 9.07 -14.27
CA VAL B 265 -21.24 8.08 -13.95
C VAL B 265 -20.13 8.61 -13.02
N VAL B 266 -19.96 7.94 -11.88
CA VAL B 266 -19.02 8.34 -10.82
C VAL B 266 -17.86 7.36 -10.58
N ASP B 267 -18.17 6.07 -10.66
CA ASP B 267 -17.22 5.00 -10.34
C ASP B 267 -17.69 3.70 -11.01
N THR B 268 -17.00 3.29 -12.07
CA THR B 268 -17.32 2.04 -12.74
C THR B 268 -16.60 0.83 -12.15
N LEU B 269 -15.59 1.10 -11.32
CA LEU B 269 -14.78 0.02 -10.76
C LEU B 269 -15.67 -0.94 -9.97
N GLY B 270 -15.62 -2.23 -10.33
CA GLY B 270 -16.34 -3.27 -9.62
C GLY B 270 -17.73 -3.56 -10.16
N ALA B 271 -18.13 -2.84 -11.20
CA ALA B 271 -19.47 -2.99 -11.75
C ALA B 271 -19.72 -4.38 -12.33
N GLY B 272 -18.73 -4.93 -13.05
CA GLY B 272 -18.84 -6.30 -13.52
C GLY B 272 -19.07 -7.30 -12.38
N ASP B 273 -18.38 -7.06 -11.27
CA ASP B 273 -18.59 -7.90 -10.10
C ASP B 273 -20.00 -7.67 -9.54
N THR B 274 -20.48 -6.44 -9.62
CA THR B 274 -21.85 -6.20 -9.20
C THR B 274 -22.84 -6.92 -10.13
N PHE B 275 -22.58 -6.87 -11.44
CA PHE B 275 -23.44 -7.54 -12.38
C PHE B 275 -23.51 -9.04 -12.10
N ASN B 276 -22.35 -9.68 -12.00
CA ASN B 276 -22.32 -11.11 -11.71
C ASN B 276 -23.09 -11.49 -10.45
N ALA B 277 -22.76 -10.83 -9.34
CA ALA B 277 -23.42 -11.12 -8.08
C ALA B 277 -24.93 -10.95 -8.15
N SER B 278 -25.38 -9.92 -8.86
CA SER B 278 -26.81 -9.67 -8.97
C SER B 278 -27.50 -10.74 -9.82
N VAL B 279 -26.86 -11.15 -10.92
CA VAL B 279 -27.46 -12.20 -11.73
C VAL B 279 -27.58 -13.48 -10.89
N ILE B 280 -26.46 -13.88 -10.29
CA ILE B 280 -26.45 -14.98 -9.33
C ILE B 280 -27.53 -14.82 -8.25
N PHE B 281 -27.66 -13.64 -7.69
CA PHE B 281 -28.62 -13.51 -6.62
C PHE B 281 -30.02 -13.88 -7.11
N SER B 282 -30.46 -13.19 -8.17
CA SER B 282 -31.76 -13.40 -8.82
C SER B 282 -32.06 -14.85 -9.21
N LEU B 283 -31.16 -15.50 -9.93
CA LEU B 283 -31.33 -16.91 -10.28
C LEU B 283 -31.49 -17.79 -9.03
N SER B 284 -30.74 -17.48 -7.98
CA SER B 284 -30.81 -18.23 -6.73
C SER B 284 -32.15 -18.03 -6.04
N GLN B 285 -32.81 -16.90 -6.28
CA GLN B 285 -34.17 -16.69 -5.76
C GLN B 285 -35.23 -17.29 -6.70
N GLY B 286 -34.77 -18.05 -7.69
CA GLY B 286 -35.67 -18.72 -8.62
C GLY B 286 -36.27 -17.87 -9.71
N ARG B 287 -35.73 -16.67 -9.93
CA ARG B 287 -36.20 -15.87 -11.05
C ARG B 287 -35.81 -16.54 -12.36
N SER B 288 -36.35 -16.01 -13.45
CA SER B 288 -36.00 -16.47 -14.80
C SER B 288 -34.72 -15.78 -15.27
N VAL B 289 -33.97 -16.46 -16.13
CA VAL B 289 -32.78 -15.87 -16.72
C VAL B 289 -33.05 -14.43 -17.21
N GLN B 290 -34.13 -14.26 -17.96
CA GLN B 290 -34.46 -12.94 -18.46
C GLN B 290 -34.58 -11.95 -17.30
N GLU B 291 -35.32 -12.32 -16.26
CA GLU B 291 -35.48 -11.43 -15.09
C GLU B 291 -34.11 -11.17 -14.42
N ALA B 292 -33.21 -12.14 -14.50
CA ALA B 292 -31.90 -12.01 -13.89
C ALA B 292 -31.05 -11.00 -14.65
N LEU B 293 -30.96 -11.18 -15.97
CA LEU B 293 -30.26 -10.25 -16.84
C LEU B 293 -30.74 -8.85 -16.50
N ARG B 294 -32.06 -8.72 -16.40
CA ARG B 294 -32.64 -7.40 -16.17
C ARG B 294 -32.09 -6.81 -14.88
N PHE B 295 -32.33 -7.53 -13.79
CA PHE B 295 -31.89 -7.14 -12.46
C PHE B 295 -30.40 -6.82 -12.45
N GLY B 296 -29.63 -7.73 -13.03
CA GLY B 296 -28.22 -7.51 -13.21
C GLY B 296 -27.97 -6.12 -13.69
N CYS B 297 -28.52 -5.79 -14.85
CA CYS B 297 -28.27 -4.48 -15.45
C CYS B 297 -28.73 -3.35 -14.52
N GLN B 298 -29.87 -3.50 -13.88
CA GLN B 298 -30.34 -2.45 -12.99
C GLN B 298 -29.37 -2.10 -11.87
N VAL B 299 -28.83 -3.12 -11.20
CA VAL B 299 -28.01 -2.88 -10.02
C VAL B 299 -26.62 -2.40 -10.41
N ALA B 300 -26.05 -3.03 -11.42
CA ALA B 300 -24.78 -2.54 -11.96
C ALA B 300 -24.87 -1.08 -12.47
N GLY B 301 -26.04 -0.67 -12.95
CA GLY B 301 -26.20 0.68 -13.45
C GLY B 301 -26.17 1.65 -12.29
N LYS B 302 -26.93 1.31 -11.26
CA LYS B 302 -26.96 2.05 -10.01
C LYS B 302 -25.56 2.14 -9.39
N LYS B 303 -24.81 1.06 -9.43
CA LYS B 303 -23.47 1.12 -8.84
C LYS B 303 -22.61 2.17 -9.54
N CYS B 304 -22.53 2.07 -10.86
CA CYS B 304 -21.74 2.99 -11.67
C CYS B 304 -21.87 4.45 -11.26
N GLY B 305 -23.08 4.91 -10.99
CA GLY B 305 -23.27 6.26 -10.49
C GLY B 305 -23.06 6.47 -8.98
N LEU B 306 -22.40 5.52 -8.32
CA LEU B 306 -22.11 5.62 -6.88
C LEU B 306 -20.63 5.36 -6.54
N GLN B 307 -20.22 5.81 -5.37
CA GLN B 307 -18.84 5.66 -4.92
C GLN B 307 -18.70 4.43 -4.03
N GLY B 308 -18.07 3.38 -4.55
CA GLY B 308 -18.02 2.10 -3.88
C GLY B 308 -19.34 1.36 -4.02
N PHE B 309 -19.77 0.69 -2.96
CA PHE B 309 -20.95 -0.17 -3.03
C PHE B 309 -22.10 0.29 -2.13
N ASP B 310 -21.85 1.32 -1.32
CA ASP B 310 -22.77 1.69 -0.23
C ASP B 310 -24.25 1.86 -0.61
N GLY B 311 -24.54 2.57 -1.70
CA GLY B 311 -25.92 2.85 -2.05
C GLY B 311 -26.68 1.89 -2.95
N ILE B 312 -26.10 0.73 -3.28
CA ILE B 312 -26.66 -0.10 -4.36
C ILE B 312 -28.06 -0.66 -4.09
N VAL B 313 -28.36 -0.94 -2.81
CA VAL B 313 -29.60 -1.61 -2.39
C VAL B 313 -30.37 -2.29 -3.54
S SO4 C . 16.03 9.34 1.64
O1 SO4 C . 16.32 8.62 2.88
O2 SO4 C . 15.63 10.71 1.92
O3 SO4 C . 17.22 9.38 0.76
O4 SO4 C . 14.92 8.60 1.03
C01 XNN D . 26.89 10.50 0.87
S02 XNN D . 25.98 8.94 1.16
C03 XNN D . 24.23 9.24 1.05
C04 XNN D . 23.64 10.21 1.85
C05 XNN D . 22.27 10.49 1.75
C06 XNN D . 21.52 9.77 0.83
C07 XNN D . 22.11 8.79 0.02
C08 XNN D . 23.49 8.49 0.08
N09 XNN D . 24.27 7.49 -0.62
C10 XNN D . 23.95 7.10 -1.99
N11 XNN D . 22.83 7.57 -2.56
C12 XNN D . 22.55 7.22 -3.92
N13 XNN D . 23.34 6.42 -4.68
C14 XNN D . 24.49 5.93 -4.08
C15 XNN D . 25.40 5.04 -4.88
N16 XNN D . 26.52 4.54 -4.30
C17 XNN D . 26.75 4.92 -2.98
N18 XNN D . 26.00 5.70 -2.18
C19 XNN D . 24.85 6.22 -2.75
N20 XNN D . 24.95 4.79 -6.15
C21 XNN D . 25.75 4.07 -7.18
C22 XNN D . 27.20 4.32 -7.46
C23 XNN D . 27.67 5.27 -8.58
C24 XNN D . 27.83 3.79 -8.76
N25 XNN D . 21.32 7.64 -4.55
C26 XNN D . 20.82 7.51 -5.97
C27 XNN D . 19.56 8.34 -5.57
C28 XNN D . 18.26 7.56 -5.92
N29 XNN D . 17.98 8.60 -6.98
C30 XNN D . 18.85 9.57 -6.22
C31 XNN D . 20.22 8.61 -4.18
S SO4 E . -4.72 -10.95 -11.14
O1 SO4 E . -4.17 -11.60 -9.96
O2 SO4 E . -4.70 -9.49 -10.98
O3 SO4 E . -3.92 -11.38 -12.30
O4 SO4 E . -6.09 -11.43 -11.29
S SO4 F . -17.10 0.90 0.02
O1 SO4 F . -16.55 0.77 1.38
O2 SO4 F . -17.91 2.13 -0.04
O3 SO4 F . -15.98 0.94 -0.93
O4 SO4 F . -17.92 -0.27 -0.30
C01 XNN G . -24.76 -4.41 -18.35
S02 XNN G . -24.25 -3.64 -16.75
C03 XNN G . -22.46 -3.61 -16.63
C04 XNN G . -21.78 -4.82 -16.62
C05 XNN G . -20.39 -4.87 -16.55
C06 XNN G . -19.69 -3.68 -16.50
C07 XNN G . -20.36 -2.44 -16.52
C08 XNN G . -21.76 -2.33 -16.60
N09 XNN G . -22.54 -1.11 -16.63
C10 XNN G . -21.98 0.13 -17.21
N11 XNN G . -20.68 0.25 -17.55
C12 XNN G . -20.20 1.49 -18.11
N13 XNN G . -21.00 2.58 -18.32
C14 XNN G . -22.37 2.47 -17.97
C15 XNN G . -23.36 3.61 -18.16
N16 XNN G . -24.66 3.41 -17.79
C17 XNN G . -24.99 2.17 -17.27
N18 XNN G . -24.21 1.10 -17.05
C19 XNN G . -22.88 1.27 -17.42
N20 XNN G . -23.00 4.84 -18.69
C21 XNN G . -21.65 5.27 -19.15
C22 XNN G . -21.06 4.95 -20.50
C23 XNN G . -19.55 5.14 -20.74
C24 XNN G . -20.53 6.09 -21.41
N25 XNN G . -18.78 1.57 -18.42
C26 XNN G . -17.84 2.57 -19.07
C27 XNN G . -16.62 1.65 -18.73
C28 XNN G . -15.59 2.40 -17.82
N29 XNN G . -14.43 1.78 -18.54
C30 XNN G . -15.36 1.10 -19.49
C31 XNN G . -17.67 0.54 -18.37
#